data_6FBJ
#
_entry.id   6FBJ
#
_cell.length_a   88.443
_cell.length_b   88.443
_cell.length_c   119.341
_cell.angle_alpha   90.00
_cell.angle_beta   90.00
_cell.angle_gamma   120.00
#
_symmetry.space_group_name_H-M   'P 31 2 1'
#
loop_
_entity.id
_entity.type
_entity.pdbx_description
1 polymer 'Heavy Chain'
2 polymer 'Light chain'
3 water water
#
loop_
_entity_poly.entity_id
_entity_poly.type
_entity_poly.pdbx_seq_one_letter_code
_entity_poly.pdbx_strand_id
1 'polypeptide(L)'
;EVQLQQSGPELVKPGASVKIPCKASGYTFTDYNMDWMKQSHGKSLEWIGHINPNNGGTFYNQKFKDKATFIVDKSSNTAY
MELRSLTSEDTAVYFCARGGGLRRGPFAYWGQGTLVTVSSAKTTPPSVYPLAPGSAAQTNSMVTLGCLVKGYFPEPVTVT
WNSGSLSSGVHTFPAVLQSDLYTLSSSVTVPSSTWPSETVTCNVAHPASSTKVDKKIVPRDCA
;
H
2 'polypeptide(L)'
;DIVLTQSPASLAVSLGQRATISCRASESFDSYGNTFVHWYQQKPGQPPKLLIYLVSNLESGVPARFRGRGSRTDFTLTID
PVEADDAAIYYCQQNNEDPYTFGGGTKLEIKRADAAPTVSIFPPSSEQLTSGGASVVCFLNNFYPKDINVKWIDGSERQN
GVLNSWTDQDSKDSTYSMSSTLTLTKDEYERHNSYTCEATHKTSTSPIVKSFNR
;
L
#
# COMPACT_ATOMS: atom_id res chain seq x y z
N GLU A 1 -18.51 0.09 17.64
CA GLU A 1 -18.07 0.89 16.51
C GLU A 1 -18.31 0.15 15.22
N VAL A 2 -18.36 0.88 14.12
CA VAL A 2 -18.65 0.29 12.85
C VAL A 2 -17.41 -0.43 12.31
N GLN A 3 -17.62 -1.63 11.83
CA GLN A 3 -16.59 -2.39 11.17
C GLN A 3 -17.18 -3.10 9.94
N LEU A 4 -16.42 -3.03 8.85
CA LEU A 4 -16.68 -3.75 7.62
C LEU A 4 -15.49 -4.66 7.37
N GLN A 5 -15.71 -5.96 7.27
CA GLN A 5 -14.63 -6.90 7.24
C GLN A 5 -14.78 -7.75 5.98
N GLN A 6 -13.78 -7.66 5.13
CA GLN A 6 -13.76 -8.39 3.89
C GLN A 6 -12.89 -9.67 4.01
N SER A 7 -13.00 -10.55 3.03
CA SER A 7 -12.17 -11.73 2.92
C SER A 7 -10.73 -11.40 2.55
N GLY A 8 -9.87 -12.40 2.69
CA GLY A 8 -8.45 -12.30 2.39
C GLY A 8 -8.24 -12.28 0.89
N PRO A 9 -7.00 -12.12 0.43
CA PRO A 9 -6.68 -12.06 -0.99
C PRO A 9 -7.01 -13.36 -1.72
N GLU A 10 -7.20 -13.26 -3.04
CA GLU A 10 -7.74 -14.34 -3.83
C GLU A 10 -6.94 -14.41 -5.11
N LEU A 11 -6.47 -15.61 -5.46
CA LEU A 11 -5.99 -15.96 -6.78
C LEU A 11 -7.10 -16.76 -7.53
N VAL A 12 -7.50 -16.26 -8.68
CA VAL A 12 -8.54 -16.88 -9.49
C VAL A 12 -8.03 -17.09 -10.91
N LYS A 13 -8.35 -18.23 -11.53
CA LYS A 13 -8.02 -18.46 -12.94
C LYS A 13 -8.87 -17.56 -13.89
N PRO A 14 -8.29 -17.21 -15.07
CA PRO A 14 -9.06 -16.57 -16.12
C PRO A 14 -10.32 -17.38 -16.44
N GLY A 15 -11.43 -16.71 -16.71
CA GLY A 15 -12.71 -17.34 -16.98
C GLY A 15 -13.53 -17.71 -15.77
N ALA A 16 -12.92 -17.81 -14.58
CA ALA A 16 -13.68 -18.22 -13.39
C ALA A 16 -14.36 -17.00 -12.76
N SER A 17 -15.05 -17.26 -11.65
CA SER A 17 -15.68 -16.27 -10.84
C SER A 17 -15.14 -16.26 -9.42
N VAL A 18 -15.35 -15.16 -8.71
CA VAL A 18 -15.03 -15.09 -7.30
C VAL A 18 -16.09 -14.24 -6.62
N LYS A 19 -16.33 -14.55 -5.37
CA LYS A 19 -17.33 -13.94 -4.57
C LYS A 19 -16.62 -13.30 -3.38
N ILE A 20 -16.85 -12.01 -3.17
CA ILE A 20 -16.19 -11.26 -2.10
C ILE A 20 -17.20 -10.84 -1.00
N PRO A 21 -17.00 -11.35 0.22
CA PRO A 21 -17.86 -10.97 1.34
C PRO A 21 -17.43 -9.65 2.01
N CYS A 22 -18.42 -9.00 2.62
CA CYS A 22 -18.20 -7.83 3.38
C CYS A 22 -19.16 -7.94 4.56
N LYS A 23 -18.60 -8.31 5.72
CA LYS A 23 -19.39 -8.52 6.95
C LYS A 23 -19.40 -7.23 7.74
N ALA A 24 -20.60 -6.77 8.09
CA ALA A 24 -20.83 -5.51 8.82
C ALA A 24 -21.25 -5.75 10.26
N SER A 25 -20.79 -4.91 11.18
CA SER A 25 -21.22 -4.89 12.56
C SER A 25 -21.02 -3.46 13.09
N GLY A 26 -21.70 -3.17 14.19
CA GLY A 26 -21.65 -1.88 14.85
C GLY A 26 -22.83 -1.01 14.45
N TYR A 27 -23.71 -1.48 13.56
CA TYR A 27 -24.88 -0.70 13.19
C TYR A 27 -25.94 -1.62 12.64
N THR A 28 -27.13 -1.08 12.35
CA THR A 28 -28.22 -1.90 11.85
C THR A 28 -28.09 -2.00 10.32
N PHE A 29 -27.65 -3.19 9.90
CA PHE A 29 -27.25 -3.51 8.52
C PHE A 29 -28.22 -3.05 7.43
N THR A 30 -29.51 -3.24 7.67
CA THR A 30 -30.53 -2.84 6.71
C THR A 30 -30.79 -1.34 6.63
N ASP A 31 -30.18 -0.52 7.46
CA ASP A 31 -30.40 0.92 7.35
C ASP A 31 -29.66 1.60 6.20
N TYR A 32 -28.57 0.99 5.71
CA TYR A 32 -27.66 1.66 4.77
C TYR A 32 -27.41 0.80 3.57
N ASN A 33 -27.28 1.42 2.40
CA ASN A 33 -26.67 0.76 1.24
C ASN A 33 -25.31 0.21 1.53
N MET A 34 -24.90 -0.77 0.75
CA MET A 34 -23.51 -1.16 0.68
C MET A 34 -23.03 -0.93 -0.75
N ASP A 35 -21.97 -0.12 -0.85
CA ASP A 35 -21.35 0.23 -2.12
C ASP A 35 -20.05 -0.52 -2.29
N TRP A 36 -19.65 -0.67 -3.53
CA TRP A 36 -18.47 -1.40 -3.88
C TRP A 36 -17.64 -0.61 -4.88
N MET A 37 -16.33 -0.64 -4.63
CA MET A 37 -15.33 0.09 -5.40
C MET A 37 -14.25 -0.85 -5.91
N LYS A 38 -13.64 -0.46 -7.01
CA LYS A 38 -12.50 -1.12 -7.59
C LYS A 38 -11.35 -0.13 -7.67
N GLN A 39 -10.14 -0.59 -7.31
CA GLN A 39 -8.92 0.20 -7.44
C GLN A 39 -7.83 -0.67 -8.03
N SER A 40 -7.54 -0.46 -9.32
CA SER A 40 -6.41 -1.13 -9.95
C SER A 40 -5.13 -0.55 -9.38
N HIS A 41 -4.04 -1.33 -9.52
CA HIS A 41 -2.78 -1.03 -8.91
C HIS A 41 -2.24 0.23 -9.52
N GLY A 42 -1.86 1.17 -8.66
CA GLY A 42 -1.40 2.50 -9.09
C GLY A 42 -2.48 3.43 -9.64
N LYS A 43 -3.75 3.10 -9.45
CA LYS A 43 -4.84 3.86 -10.10
C LYS A 43 -5.84 4.42 -9.08
N SER A 44 -6.72 5.29 -9.54
CA SER A 44 -7.84 5.79 -8.77
C SER A 44 -8.92 4.73 -8.63
N LEU A 45 -9.99 5.14 -7.96
CA LEU A 45 -11.10 4.22 -7.64
C LEU A 45 -12.24 4.41 -8.65
N GLU A 46 -13.01 3.35 -8.83
CA GLU A 46 -14.20 3.35 -9.67
C GLU A 46 -15.28 2.72 -8.85
N TRP A 47 -16.46 3.31 -8.92
CA TRP A 47 -17.61 2.86 -8.20
C TRP A 47 -18.31 1.84 -9.11
N ILE A 48 -18.46 0.63 -8.60
CA ILE A 48 -19.07 -0.49 -9.30
C ILE A 48 -20.60 -0.44 -9.23
N GLY A 49 -21.11 -0.07 -8.06
CA GLY A 49 -22.54 0.00 -7.81
C GLY A 49 -22.82 -0.19 -6.34
N HIS A 50 -24.09 -0.32 -5.99
CA HIS A 50 -24.51 -0.67 -4.63
C HIS A 50 -25.76 -1.52 -4.57
N ILE A 51 -26.02 -2.00 -3.36
CA ILE A 51 -27.16 -2.82 -3.01
C ILE A 51 -27.79 -2.26 -1.73
N ASN A 52 -29.12 -2.21 -1.74
CA ASN A 52 -29.93 -1.90 -0.56
C ASN A 52 -30.26 -3.19 0.17
N PRO A 53 -29.68 -3.45 1.34
CA PRO A 53 -29.93 -4.73 2.04
C PRO A 53 -31.37 -4.95 2.54
N ASN A 54 -32.05 -3.84 2.88
CA ASN A 54 -33.39 -3.86 3.43
C ASN A 54 -34.35 -4.53 2.48
N ASN A 55 -34.24 -4.16 1.20
CA ASN A 55 -35.16 -4.62 0.16
C ASN A 55 -34.56 -5.36 -1.01
N GLY A 56 -33.25 -5.65 -1.01
CA GLY A 56 -32.62 -6.39 -2.14
C GLY A 56 -32.27 -5.60 -3.41
N GLY A 57 -32.63 -4.32 -3.45
CA GLY A 57 -32.45 -3.54 -4.69
C GLY A 57 -31.00 -3.23 -4.99
N THR A 58 -30.70 -3.05 -6.27
CA THR A 58 -29.35 -2.80 -6.78
C THR A 58 -29.30 -1.74 -7.90
N PHE A 59 -28.15 -1.08 -8.00
CA PHE A 59 -27.82 -0.20 -9.11
C PHE A 59 -26.37 -0.42 -9.45
N TYR A 60 -26.11 -0.61 -10.72
CA TYR A 60 -24.80 -0.89 -11.24
C TYR A 60 -24.34 0.23 -12.14
N ASN A 61 -23.11 0.68 -11.93
CA ASN A 61 -22.39 1.41 -12.94
C ASN A 61 -22.50 0.55 -14.22
N GLN A 62 -23.03 1.16 -15.26
CA GLN A 62 -23.23 0.50 -16.56
C GLN A 62 -21.99 -0.25 -17.06
N LYS A 63 -20.85 0.36 -16.88
CA LYS A 63 -19.56 -0.25 -17.16
C LYS A 63 -19.31 -1.60 -16.46
N PHE A 64 -20.05 -1.91 -15.42
CA PHE A 64 -19.83 -3.15 -14.72
C PHE A 64 -20.96 -4.13 -14.84
N LYS A 65 -21.91 -3.86 -15.71
CA LYS A 65 -23.09 -4.69 -15.90
C LYS A 65 -22.82 -6.12 -16.26
N ASP A 66 -21.80 -6.36 -17.03
CA ASP A 66 -21.47 -7.71 -17.42
C ASP A 66 -20.43 -8.36 -16.51
N LYS A 67 -20.12 -7.72 -15.39
CA LYS A 67 -19.04 -8.13 -14.51
C LYS A 67 -19.42 -8.44 -13.03
N ALA A 68 -20.28 -7.62 -12.46
CA ALA A 68 -20.54 -7.65 -11.03
C ALA A 68 -21.99 -7.98 -10.77
N THR A 69 -22.22 -8.80 -9.74
CA THR A 69 -23.53 -9.02 -9.16
C THR A 69 -23.44 -8.80 -7.66
N PHE A 70 -24.40 -8.08 -7.10
CA PHE A 70 -24.47 -7.87 -5.67
C PHE A 70 -25.59 -8.72 -5.06
N ILE A 71 -25.34 -9.36 -3.92
CA ILE A 71 -26.40 -9.92 -3.07
C ILE A 71 -26.08 -9.60 -1.62
N VAL A 72 -27.06 -9.79 -0.75
CA VAL A 72 -26.84 -9.71 0.69
C VAL A 72 -27.43 -10.93 1.41
N ASP A 73 -26.80 -11.26 2.54
CA ASP A 73 -27.29 -12.21 3.52
C ASP A 73 -27.70 -11.37 4.71
N LYS A 74 -28.96 -10.92 4.75
CA LYS A 74 -29.48 -10.15 5.91
C LYS A 74 -29.24 -10.90 7.18
N SER A 75 -29.33 -12.22 7.11
CA SER A 75 -29.22 -13.08 8.27
C SER A 75 -27.90 -12.98 8.98
N SER A 76 -26.84 -12.61 8.30
CA SER A 76 -25.51 -12.55 8.91
C SER A 76 -24.83 -11.16 8.69
N ASN A 77 -25.59 -10.16 8.29
CA ASN A 77 -25.11 -8.79 7.99
C ASN A 77 -23.91 -8.79 7.08
N THR A 78 -23.98 -9.60 6.02
CA THR A 78 -22.89 -9.76 5.06
C THR A 78 -23.35 -9.43 3.66
N ALA A 79 -22.65 -8.52 3.01
CA ALA A 79 -22.92 -8.16 1.65
C ALA A 79 -21.92 -8.88 0.77
N TYR A 80 -22.29 -9.20 -0.45
CA TYR A 80 -21.39 -9.90 -1.31
C TYR A 80 -21.32 -9.32 -2.67
N MET A 81 -20.18 -9.44 -3.29
CA MET A 81 -20.04 -9.01 -4.65
C MET A 81 -19.41 -10.13 -5.43
N GLU A 82 -20.09 -10.60 -6.45
CA GLU A 82 -19.56 -11.61 -7.31
C GLU A 82 -19.05 -10.95 -8.58
N LEU A 83 -17.86 -11.34 -9.00
CA LEU A 83 -17.24 -10.90 -10.22
C LEU A 83 -17.10 -12.12 -11.13
N ARG A 84 -17.62 -12.06 -12.34
CA ARG A 84 -17.57 -13.21 -13.22
C ARG A 84 -16.72 -13.04 -14.47
N SER A 85 -16.44 -14.14 -15.17
CA SER A 85 -15.64 -14.17 -16.40
C SER A 85 -14.41 -13.33 -16.27
N LEU A 86 -13.55 -13.72 -15.36
CA LEU A 86 -12.46 -12.87 -14.95
C LEU A 86 -11.35 -12.87 -15.99
N THR A 87 -10.79 -11.69 -16.20
CA THR A 87 -9.56 -11.51 -16.97
C THR A 87 -8.52 -10.72 -16.17
N SER A 88 -7.31 -10.63 -16.71
CA SER A 88 -6.24 -9.79 -16.14
C SER A 88 -6.70 -8.35 -15.81
N GLU A 89 -7.60 -7.78 -16.63
CA GLU A 89 -8.18 -6.47 -16.34
C GLU A 89 -8.95 -6.38 -15.02
N ASP A 90 -9.32 -7.51 -14.44
CA ASP A 90 -10.06 -7.51 -13.21
C ASP A 90 -9.13 -7.55 -12.01
N THR A 91 -7.83 -7.73 -12.24
CA THR A 91 -6.89 -7.78 -11.14
C THR A 91 -6.83 -6.41 -10.47
N ALA A 92 -7.15 -6.35 -9.19
CA ALA A 92 -7.39 -5.10 -8.54
C ALA A 92 -7.70 -5.34 -7.06
N VAL A 93 -7.68 -4.28 -6.27
CA VAL A 93 -8.24 -4.29 -4.93
C VAL A 93 -9.70 -3.88 -5.03
N TYR A 94 -10.56 -4.63 -4.34
CA TYR A 94 -11.98 -4.32 -4.32
C TYR A 94 -12.35 -3.99 -2.90
N PHE A 95 -13.13 -2.94 -2.74
CA PHE A 95 -13.51 -2.43 -1.42
C PHE A 95 -15.04 -2.35 -1.31
N CYS A 96 -15.64 -2.79 -0.20
CA CYS A 96 -17.00 -2.38 0.17
C CYS A 96 -16.92 -1.11 1.01
N ALA A 97 -18.01 -0.34 0.99
CA ALA A 97 -18.16 0.80 1.91
C ALA A 97 -19.61 1.03 2.20
N ARG A 98 -19.88 1.54 3.39
CA ARG A 98 -21.25 1.79 3.79
C ARG A 98 -21.71 3.04 3.08
N GLY A 99 -22.93 2.95 2.55
CA GLY A 99 -23.49 3.98 1.66
C GLY A 99 -24.69 4.65 2.31
N GLY A 100 -25.59 5.17 1.47
CA GLY A 100 -26.63 6.08 1.97
C GLY A 100 -27.76 5.35 2.69
N GLY A 101 -28.38 6.04 3.64
CA GLY A 101 -29.50 5.48 4.41
C GLY A 101 -30.72 6.28 4.04
N LEU A 102 -31.05 7.21 4.92
CA LEU A 102 -32.16 8.11 4.75
C LEU A 102 -31.89 9.05 3.54
N ARG A 103 -30.64 9.42 3.32
CA ARG A 103 -30.26 10.21 2.16
C ARG A 103 -28.82 9.91 1.78
N ARG A 104 -28.48 10.32 0.58
CA ARG A 104 -27.10 10.26 0.06
C ARG A 104 -26.08 10.89 1.03
N GLY A 105 -24.84 10.40 0.96
CA GLY A 105 -23.79 10.90 1.83
C GLY A 105 -22.45 10.44 1.33
N PRO A 106 -21.41 10.59 2.14
CA PRO A 106 -20.07 10.13 1.80
C PRO A 106 -19.87 8.68 2.18
N PHE A 107 -18.74 8.11 1.81
CA PHE A 107 -18.27 6.82 2.32
C PHE A 107 -17.41 7.07 3.54
N ALA A 108 -18.05 6.98 4.70
CA ALA A 108 -17.37 7.17 5.99
C ALA A 108 -16.70 5.87 6.47
N TYR A 109 -17.32 4.72 6.21
CA TYR A 109 -16.82 3.43 6.71
C TYR A 109 -16.51 2.53 5.53
N TRP A 110 -15.27 2.01 5.50
CA TRP A 110 -14.80 1.15 4.46
C TRP A 110 -14.33 -0.20 5.00
N GLY A 111 -14.45 -1.25 4.19
CA GLY A 111 -13.74 -2.50 4.46
C GLY A 111 -12.27 -2.35 4.13
N GLN A 112 -11.47 -3.33 4.50
CA GLN A 112 -10.00 -3.20 4.39
C GLN A 112 -9.52 -3.40 2.96
N GLY A 113 -10.39 -3.87 2.07
CA GLY A 113 -10.01 -4.11 0.68
C GLY A 113 -9.67 -5.55 0.53
N THR A 114 -10.01 -6.13 -0.62
CA THR A 114 -9.51 -7.45 -0.97
C THR A 114 -8.91 -7.51 -2.37
N LEU A 115 -7.70 -8.04 -2.43
CA LEU A 115 -6.92 -8.09 -3.65
C LEU A 115 -7.35 -9.31 -4.38
N VAL A 116 -7.78 -9.13 -5.63
CA VAL A 116 -8.04 -10.23 -6.54
C VAL A 116 -7.00 -10.22 -7.65
N THR A 117 -6.31 -11.34 -7.82
CA THR A 117 -5.31 -11.54 -8.84
C THR A 117 -5.83 -12.59 -9.82
N VAL A 118 -5.94 -12.22 -11.07
CA VAL A 118 -6.41 -13.14 -12.09
C VAL A 118 -5.18 -13.66 -12.80
N SER A 119 -4.93 -14.95 -12.70
CA SER A 119 -3.78 -15.56 -13.35
C SER A 119 -3.96 -17.05 -13.37
N SER A 120 -3.40 -17.70 -14.36
CA SER A 120 -3.40 -19.16 -14.36
C SER A 120 -2.05 -19.73 -14.01
N ALA A 121 -1.13 -18.89 -13.58
CA ALA A 121 0.17 -19.35 -13.07
C ALA A 121 0.01 -20.11 -11.77
N LYS A 122 0.96 -20.97 -11.51
CA LYS A 122 0.92 -21.77 -10.32
C LYS A 122 1.31 -20.92 -9.14
N THR A 123 0.99 -21.42 -7.96
CA THR A 123 1.23 -20.78 -6.71
C THR A 123 2.57 -21.29 -6.22
N THR A 124 3.40 -20.38 -5.72
CA THR A 124 4.77 -20.69 -5.28
C THR A 124 5.02 -20.03 -3.92
N PRO A 125 5.33 -20.83 -2.89
CA PRO A 125 5.57 -20.21 -1.58
C PRO A 125 6.98 -19.63 -1.55
N PRO A 126 7.24 -18.64 -0.68
CA PRO A 126 8.53 -17.96 -0.60
C PRO A 126 9.51 -18.79 0.19
N SER A 127 10.81 -18.59 -0.04
CA SER A 127 11.82 -18.96 0.97
C SER A 127 12.10 -17.70 1.79
N VAL A 128 12.19 -17.89 3.09
CA VAL A 128 12.41 -16.82 4.04
C VAL A 128 13.83 -17.01 4.57
N TYR A 129 14.72 -16.07 4.22
CA TYR A 129 16.10 -16.12 4.66
C TYR A 129 16.39 -14.98 5.66
N PRO A 130 17.00 -15.30 6.83
CA PRO A 130 17.38 -14.24 7.79
C PRO A 130 18.61 -13.47 7.35
N LEU A 131 18.71 -12.18 7.71
CA LEU A 131 19.91 -11.38 7.47
C LEU A 131 20.51 -10.86 8.78
N ALA A 132 21.69 -11.36 9.11
CA ALA A 132 22.46 -10.90 10.27
C ALA A 132 23.68 -10.15 9.75
N PRO A 133 24.11 -9.10 10.48
CA PRO A 133 25.27 -8.23 10.18
C PRO A 133 26.51 -8.87 9.52
N ASN A 140 27.90 1.64 16.51
CA ASN A 140 26.88 0.61 16.54
C ASN A 140 26.08 0.58 17.84
N SER A 141 25.32 1.63 18.08
CA SER A 141 24.47 1.69 19.25
C SER A 141 23.18 1.06 18.74
N MET A 142 22.82 1.36 17.50
CA MET A 142 21.67 0.71 16.87
C MET A 142 22.21 -0.39 15.98
N VAL A 143 21.38 -1.39 15.75
CA VAL A 143 21.73 -2.51 14.89
C VAL A 143 20.54 -2.85 14.01
N THR A 144 20.81 -3.09 12.73
CA THR A 144 19.78 -3.37 11.76
C THR A 144 19.84 -4.82 11.37
N LEU A 145 18.68 -5.49 11.38
CA LEU A 145 18.53 -6.90 11.03
C LEU A 145 17.51 -7.01 9.92
N GLY A 146 17.62 -8.07 9.11
CA GLY A 146 16.80 -8.23 7.93
C GLY A 146 16.05 -9.53 7.84
N CYS A 147 15.17 -9.58 6.85
CA CYS A 147 14.41 -10.76 6.51
C CYS A 147 14.22 -10.70 4.99
N LEU A 148 14.66 -11.73 4.29
CA LEU A 148 14.50 -11.79 2.84
C LEU A 148 13.45 -12.83 2.51
N VAL A 149 12.36 -12.40 1.86
CA VAL A 149 11.26 -13.25 1.40
C VAL A 149 11.29 -13.37 -0.13
N LYS A 150 11.80 -14.50 -0.64
CA LYS A 150 12.21 -14.62 -2.05
C LYS A 150 11.46 -15.72 -2.84
N GLY A 151 11.13 -15.43 -4.10
CA GLY A 151 10.66 -16.47 -5.02
C GLY A 151 9.24 -16.96 -4.75
N TYR A 152 8.34 -16.01 -4.56
CA TYR A 152 6.92 -16.36 -4.36
C TYR A 152 5.99 -15.86 -5.46
N PHE A 153 4.80 -16.46 -5.49
CA PHE A 153 3.73 -16.02 -6.37
C PHE A 153 2.40 -16.62 -5.88
N PRO A 154 1.30 -15.84 -5.82
CA PRO A 154 1.21 -14.40 -6.10
C PRO A 154 1.48 -13.55 -4.86
N GLU A 155 1.38 -12.24 -5.04
CA GLU A 155 1.20 -11.30 -3.95
C GLU A 155 -0.12 -11.59 -3.21
N PRO A 156 -0.22 -11.26 -1.92
CA PRO A 156 0.80 -10.60 -1.12
C PRO A 156 1.50 -11.56 -0.18
N VAL A 157 2.56 -11.08 0.45
CA VAL A 157 2.98 -11.64 1.71
C VAL A 157 2.82 -10.54 2.71
N THR A 158 2.70 -10.94 3.98
CA THR A 158 2.75 -10.02 5.09
C THR A 158 3.93 -10.36 5.98
N VAL A 159 4.47 -9.35 6.62
CA VAL A 159 5.66 -9.49 7.42
C VAL A 159 5.40 -8.77 8.70
N THR A 160 5.74 -9.37 9.84
CA THR A 160 5.84 -8.64 11.10
C THR A 160 7.13 -9.06 11.79
N TRP A 161 7.45 -8.33 12.84
CA TRP A 161 8.62 -8.61 13.68
C TRP A 161 8.14 -8.80 15.11
N ASN A 162 8.51 -9.92 15.71
CA ASN A 162 8.03 -10.33 17.05
C ASN A 162 6.50 -10.10 17.16
N SER A 163 5.77 -10.60 16.16
CA SER A 163 4.31 -10.53 16.08
C SER A 163 3.69 -9.14 16.09
N GLY A 164 4.44 -8.11 15.73
CA GLY A 164 3.90 -6.75 15.69
C GLY A 164 4.23 -5.88 16.90
N SER A 165 4.59 -6.48 18.03
CA SER A 165 5.04 -5.70 19.20
C SER A 165 6.22 -4.83 18.83
N LEU A 166 7.15 -5.41 18.06
CA LEU A 166 8.29 -4.72 17.49
C LEU A 166 7.87 -4.28 16.12
N SER A 167 7.57 -2.99 16.00
CA SER A 167 7.19 -2.39 14.71
C SER A 167 7.74 -0.98 14.49
N SER A 168 8.49 -0.45 15.45
CA SER A 168 8.79 0.97 15.45
C SER A 168 9.86 1.31 14.42
N GLY A 169 10.85 0.44 14.26
CA GLY A 169 11.96 0.67 13.31
C GLY A 169 11.97 -0.29 12.14
N VAL A 170 10.78 -0.64 11.65
CA VAL A 170 10.61 -1.59 10.56
C VAL A 170 10.42 -0.86 9.22
N HIS A 171 11.13 -1.32 8.19
CA HIS A 171 10.83 -0.90 6.81
C HIS A 171 10.61 -2.17 6.03
N THR A 172 9.44 -2.33 5.46
CA THR A 172 9.17 -3.46 4.64
C THR A 172 8.99 -2.95 3.23
N PHE A 173 9.78 -3.50 2.31
CA PHE A 173 9.98 -2.94 0.97
C PHE A 173 9.02 -3.60 0.01
N PRO A 174 8.43 -2.83 -0.93
CA PRO A 174 7.52 -3.46 -1.88
C PRO A 174 8.21 -4.53 -2.70
N ALA A 175 7.49 -5.60 -2.98
CA ALA A 175 8.05 -6.73 -3.70
C ALA A 175 8.43 -6.37 -5.13
N VAL A 176 9.47 -7.00 -5.66
CA VAL A 176 9.82 -6.85 -7.07
C VAL A 176 9.52 -8.15 -7.82
N LEU A 177 8.89 -8.04 -8.98
CA LEU A 177 8.60 -9.19 -9.84
C LEU A 177 9.81 -9.36 -10.71
N GLN A 178 10.32 -10.59 -10.79
CA GLN A 178 11.51 -10.90 -11.58
C GLN A 178 11.13 -11.97 -12.62
N SER A 179 11.53 -13.21 -12.42
CA SER A 179 11.42 -14.19 -13.47
C SER A 179 10.16 -14.94 -13.12
N ASP A 180 9.04 -14.25 -13.24
CA ASP A 180 7.71 -14.72 -12.82
C ASP A 180 7.53 -14.98 -11.29
N LEU A 181 8.40 -14.37 -10.49
CA LEU A 181 8.41 -14.57 -9.04
C LEU A 181 8.69 -13.24 -8.35
N TYR A 182 8.00 -13.04 -7.23
CA TYR A 182 8.22 -11.89 -6.38
C TYR A 182 9.32 -12.14 -5.34
N THR A 183 10.03 -11.06 -5.04
CA THR A 183 10.92 -10.99 -3.89
C THR A 183 10.69 -9.68 -3.18
N LEU A 184 10.77 -9.76 -1.86
CA LEU A 184 10.55 -8.66 -0.95
C LEU A 184 11.57 -8.78 0.17
N SER A 185 11.94 -7.66 0.76
CA SER A 185 12.78 -7.63 1.96
C SER A 185 12.12 -6.80 3.08
N SER A 186 12.66 -6.88 4.30
CA SER A 186 12.18 -6.07 5.42
C SER A 186 13.26 -5.91 6.46
N SER A 187 13.59 -4.66 6.81
CA SER A 187 14.62 -4.39 7.82
C SER A 187 13.97 -4.01 9.15
N VAL A 188 14.74 -4.15 10.21
CA VAL A 188 14.33 -3.71 11.54
C VAL A 188 15.56 -3.22 12.30
N THR A 189 15.40 -2.13 13.05
CA THR A 189 16.51 -1.56 13.80
C THR A 189 16.14 -1.48 15.27
N VAL A 190 17.01 -2.02 16.13
CA VAL A 190 16.85 -1.94 17.58
C VAL A 190 18.18 -1.65 18.24
N PRO A 191 18.16 -1.30 19.54
CA PRO A 191 19.37 -1.16 20.35
C PRO A 191 20.27 -2.40 20.35
N SER A 192 21.58 -2.17 20.37
CA SER A 192 22.60 -3.16 20.76
C SER A 192 22.31 -3.94 22.04
N SER A 193 21.78 -3.22 23.04
CA SER A 193 21.45 -3.82 24.34
C SER A 193 20.40 -4.92 24.26
N THR A 194 19.48 -4.80 23.28
CA THR A 194 18.35 -5.73 23.15
C THR A 194 18.61 -6.95 22.24
N TRP A 195 19.48 -6.81 21.23
CA TRP A 195 19.88 -7.92 20.31
C TRP A 195 21.39 -7.84 20.08
N PRO A 196 22.11 -8.97 20.07
CA PRO A 196 21.57 -10.34 20.13
C PRO A 196 21.19 -10.83 21.53
N SER A 197 21.44 -10.01 22.55
CA SER A 197 20.97 -10.19 23.93
C SER A 197 19.64 -10.94 24.08
N GLU A 198 18.56 -10.41 23.50
CA GLU A 198 17.24 -11.07 23.55
C GLU A 198 16.69 -11.28 22.11
N THR A 199 15.53 -11.92 21.97
CA THR A 199 15.10 -12.57 20.70
C THR A 199 14.43 -11.66 19.68
N VAL A 200 14.83 -11.82 18.42
CA VAL A 200 14.19 -11.16 17.28
C VAL A 200 13.89 -12.16 16.16
N THR A 201 12.65 -12.20 15.69
CA THR A 201 12.30 -13.09 14.60
C THR A 201 11.30 -12.38 13.67
N CYS A 202 11.39 -12.65 12.37
CA CYS A 202 10.41 -12.15 11.41
C CYS A 202 9.37 -13.21 11.21
N ASN A 203 8.14 -12.72 11.06
CA ASN A 203 6.96 -13.53 10.90
C ASN A 203 6.50 -13.24 9.49
N VAL A 204 6.47 -14.28 8.67
CA VAL A 204 6.13 -14.16 7.28
C VAL A 204 4.96 -15.11 6.97
N ALA A 205 3.95 -14.58 6.31
CA ALA A 205 2.83 -15.36 5.81
C ALA A 205 2.64 -15.11 4.33
N HIS A 206 2.31 -16.20 3.61
CA HIS A 206 1.90 -16.16 2.22
C HIS A 206 0.52 -16.86 2.15
N PRO A 207 -0.57 -16.10 2.25
CA PRO A 207 -1.93 -16.65 2.30
C PRO A 207 -2.24 -17.62 1.17
N ALA A 208 -1.81 -17.31 -0.05
CA ALA A 208 -2.12 -18.15 -1.20
C ALA A 208 -1.59 -19.62 -1.11
N SER A 209 -0.49 -19.82 -0.38
CA SER A 209 0.03 -21.15 -0.14
C SER A 209 -0.20 -21.65 1.31
N SER A 210 -0.84 -20.82 2.15
CA SER A 210 -0.90 -21.05 3.61
C SER A 210 0.47 -21.29 4.26
N THR A 211 1.46 -20.48 3.85
CA THR A 211 2.78 -20.49 4.46
C THR A 211 2.71 -19.52 5.61
N LYS A 212 3.18 -19.94 6.79
CA LYS A 212 3.46 -19.04 7.89
C LYS A 212 4.75 -19.47 8.57
N VAL A 213 5.85 -18.74 8.32
CA VAL A 213 7.19 -19.04 8.86
C VAL A 213 7.63 -17.99 9.91
N ASP A 214 8.41 -18.46 10.89
CA ASP A 214 9.10 -17.60 11.86
C ASP A 214 10.59 -17.89 11.71
N LYS A 215 11.34 -16.95 11.13
CA LYS A 215 12.80 -17.10 11.04
C LYS A 215 13.43 -16.20 12.07
N LYS A 216 14.15 -16.83 12.99
CA LYS A 216 14.91 -16.14 14.05
C LYS A 216 16.22 -15.63 13.48
N ILE A 217 16.58 -14.41 13.87
CA ILE A 217 17.81 -13.79 13.39
C ILE A 217 18.96 -14.19 14.32
N VAL A 218 19.75 -15.16 13.86
CA VAL A 218 20.88 -15.71 14.62
C VAL A 218 22.14 -14.88 14.34
N PRO A 219 22.90 -14.51 15.39
CA PRO A 219 24.19 -13.88 15.10
C PRO A 219 25.10 -14.78 14.28
N ARG A 220 25.70 -14.23 13.23
CA ARG A 220 26.80 -14.92 12.52
C ARG A 220 28.13 -14.58 13.20
N ASP B 1 -20.77 10.46 -18.29
CA ASP B 1 -20.60 10.59 -16.83
C ASP B 1 -20.01 11.93 -16.44
N ILE B 2 -20.03 12.22 -15.15
CA ILE B 2 -19.38 13.38 -14.60
C ILE B 2 -17.93 13.05 -14.23
N VAL B 3 -17.01 13.62 -15.02
CA VAL B 3 -15.58 13.44 -14.88
C VAL B 3 -15.07 14.51 -13.91
N LEU B 4 -14.38 14.04 -12.89
CA LEU B 4 -13.68 14.87 -11.91
C LEU B 4 -12.18 14.90 -12.19
N THR B 5 -11.67 16.06 -12.54
CA THR B 5 -10.23 16.22 -12.81
C THR B 5 -9.57 16.94 -11.61
N GLN B 6 -8.59 16.28 -10.99
CA GLN B 6 -7.86 16.86 -9.87
C GLN B 6 -6.59 17.57 -10.32
N SER B 7 -6.20 18.60 -9.58
CA SER B 7 -4.99 19.33 -9.81
C SER B 7 -4.48 19.72 -8.41
N PRO B 8 -3.17 19.66 -8.13
CA PRO B 8 -2.14 19.16 -9.05
C PRO B 8 -2.12 17.65 -9.05
N ALA B 9 -1.33 17.04 -9.94
CA ALA B 9 -1.11 15.59 -9.93
C ALA B 9 -0.23 15.21 -8.74
N SER B 10 0.77 16.05 -8.49
CA SER B 10 1.61 15.91 -7.31
C SER B 10 2.13 17.24 -6.84
N LEU B 11 2.42 17.29 -5.57
CA LEU B 11 3.06 18.46 -4.99
C LEU B 11 3.89 18.08 -3.78
N ALA B 12 4.87 18.91 -3.51
CA ALA B 12 5.73 18.78 -2.32
C ALA B 12 5.59 20.04 -1.49
N VAL B 13 5.16 19.87 -0.25
CA VAL B 13 4.81 20.95 0.67
C VAL B 13 5.57 20.77 1.98
N SER B 14 6.27 21.81 2.39
CA SER B 14 6.98 21.80 3.66
C SER B 14 6.01 21.69 4.85
N LEU B 15 6.48 21.07 5.93
CA LEU B 15 5.80 21.04 7.26
C LEU B 15 5.37 22.42 7.74
N GLY B 16 4.11 22.55 8.13
CA GLY B 16 3.59 23.82 8.65
C GLY B 16 2.96 24.67 7.56
N GLN B 17 3.04 24.26 6.30
CA GLN B 17 2.62 25.12 5.20
C GLN B 17 1.32 24.61 4.57
N ARG B 18 0.87 25.33 3.56
CA ARG B 18 -0.44 25.04 2.96
C ARG B 18 -0.38 24.20 1.67
N ALA B 19 -1.27 23.22 1.56
CA ALA B 19 -1.45 22.45 0.34
C ALA B 19 -2.86 22.71 -0.13
N THR B 20 -3.00 23.12 -1.38
CA THR B 20 -4.26 23.37 -2.01
C THR B 20 -4.47 22.34 -3.15
N ILE B 21 -5.52 21.56 -3.01
CA ILE B 21 -5.81 20.48 -3.96
C ILE B 21 -7.18 20.77 -4.60
N SER B 22 -7.22 20.83 -5.93
CA SER B 22 -8.41 21.23 -6.69
C SER B 22 -9.11 20.05 -7.38
N CYS B 23 -10.43 20.15 -7.53
CA CYS B 23 -11.27 19.18 -8.23
C CYS B 23 -12.20 19.99 -9.12
N ARG B 24 -12.21 19.64 -10.38
CA ARG B 24 -13.05 20.26 -11.36
C ARG B 24 -14.01 19.26 -12.00
N ALA B 25 -15.30 19.51 -11.87
CA ALA B 25 -16.31 18.67 -12.50
C ALA B 25 -16.46 19.03 -14.00
N SER B 26 -16.64 18.03 -14.87
CA SER B 26 -16.83 18.27 -16.31
C SER B 26 -18.11 19.06 -16.62
N GLU B 27 -19.09 19.05 -15.73
CA GLU B 27 -20.22 19.95 -15.87
C GLU B 27 -20.68 20.31 -14.49
N SER B 28 -21.44 21.39 -14.39
CA SER B 28 -21.90 21.89 -13.12
C SER B 28 -22.90 20.96 -12.45
N PHE B 29 -22.88 20.92 -11.13
CA PHE B 29 -23.89 20.21 -10.38
C PHE B 29 -25.18 21.02 -10.17
N ASP B 30 -26.27 20.33 -9.86
CA ASP B 30 -27.61 20.90 -9.83
C ASP B 30 -27.97 21.49 -8.48
N SER B 31 -28.45 22.73 -8.51
CA SER B 31 -28.81 23.54 -7.33
C SER B 31 -29.91 22.99 -6.36
N TYR B 32 -30.78 22.09 -6.81
CA TYR B 32 -31.82 21.53 -5.92
C TYR B 32 -31.20 20.62 -4.85
N GLY B 33 -30.85 21.26 -3.73
CA GLY B 33 -30.51 20.54 -2.53
C GLY B 33 -29.04 20.66 -2.31
N ASN B 34 -28.45 19.64 -1.70
CA ASN B 34 -27.04 19.64 -1.41
C ASN B 34 -26.23 19.17 -2.58
N THR B 35 -24.94 19.45 -2.47
CA THR B 35 -23.94 19.09 -3.45
C THR B 35 -23.11 18.03 -2.79
N PHE B 36 -23.18 16.83 -3.38
CA PHE B 36 -22.55 15.61 -2.89
C PHE B 36 -21.12 15.41 -3.47
N VAL B 37 -20.21 16.26 -3.01
CA VAL B 37 -18.79 16.15 -3.32
C VAL B 37 -18.06 15.90 -1.99
N HIS B 38 -17.26 14.85 -1.94
CA HIS B 38 -16.51 14.49 -0.72
C HIS B 38 -15.02 14.34 -1.02
N TRP B 39 -14.20 14.47 0.05
CA TRP B 39 -12.74 14.31 -0.05
C TRP B 39 -12.18 13.21 0.87
N TYR B 40 -11.20 12.46 0.36
CA TYR B 40 -10.60 11.36 1.07
C TYR B 40 -9.08 11.40 1.02
N GLN B 41 -8.48 10.84 2.08
CA GLN B 41 -7.03 10.62 2.15
C GLN B 41 -6.77 9.13 2.03
N GLN B 42 -5.82 8.71 1.25
CA GLN B 42 -5.54 7.30 1.19
C GLN B 42 -4.08 7.01 1.19
N LYS B 43 -3.67 6.17 2.14
CA LYS B 43 -2.30 5.72 2.27
C LYS B 43 -2.15 4.32 1.70
N PRO B 44 -0.94 3.94 1.34
CA PRO B 44 -0.74 2.62 0.74
C PRO B 44 -1.29 1.42 1.57
N GLY B 45 -2.05 0.55 0.90
CA GLY B 45 -2.57 -0.66 1.47
C GLY B 45 -3.75 -0.46 2.40
N GLN B 46 -4.33 0.74 2.40
CA GLN B 46 -5.50 1.01 3.21
C GLN B 46 -6.65 1.45 2.34
N PRO B 47 -7.88 1.30 2.86
CA PRO B 47 -8.98 2.01 2.21
C PRO B 47 -8.80 3.52 2.27
N PRO B 48 -9.45 4.24 1.37
CA PRO B 48 -9.53 5.66 1.60
C PRO B 48 -10.26 6.00 2.92
N LYS B 49 -9.94 7.18 3.43
CA LYS B 49 -10.48 7.66 4.69
C LYS B 49 -11.11 9.03 4.49
N LEU B 50 -12.30 9.21 5.03
CA LEU B 50 -13.13 10.38 4.76
C LEU B 50 -12.61 11.62 5.52
N LEU B 51 -12.50 12.73 4.81
CA LEU B 51 -12.05 14.01 5.41
C LEU B 51 -13.14 15.06 5.49
N ILE B 52 -13.76 15.28 4.34
CA ILE B 52 -14.75 16.32 4.15
C ILE B 52 -15.89 15.71 3.33
N TYR B 53 -17.12 16.05 3.72
CA TYR B 53 -18.34 15.58 3.06
C TYR B 53 -19.28 16.73 2.81
N LEU B 54 -20.05 16.62 1.73
CA LEU B 54 -21.00 17.64 1.31
C LEU B 54 -20.25 18.99 1.15
N VAL B 55 -19.20 18.95 0.35
CA VAL B 55 -18.34 20.09 0.00
C VAL B 55 -17.47 20.62 1.14
N SER B 56 -18.09 21.00 2.26
CA SER B 56 -17.42 21.75 3.31
C SER B 56 -17.54 21.23 4.73
N ASN B 57 -18.12 20.05 4.96
CA ASN B 57 -18.33 19.59 6.35
C ASN B 57 -17.17 18.72 6.82
N LEU B 58 -16.70 18.96 8.02
CA LEU B 58 -15.54 18.23 8.50
C LEU B 58 -15.99 16.94 9.18
N GLU B 59 -15.47 15.82 8.69
CA GLU B 59 -15.84 14.51 9.27
C GLU B 59 -15.35 14.45 10.71
N SER B 60 -16.17 13.90 11.59
CA SER B 60 -15.81 13.92 13.02
C SER B 60 -14.54 13.05 13.22
N GLY B 61 -13.67 13.48 14.13
CA GLY B 61 -12.34 12.90 14.24
C GLY B 61 -11.28 13.45 13.30
N VAL B 62 -11.66 14.26 12.29
CA VAL B 62 -10.68 14.85 11.37
C VAL B 62 -10.36 16.28 11.85
N PRO B 63 -9.07 16.64 11.95
CA PRO B 63 -8.76 18.00 12.49
C PRO B 63 -9.10 19.10 11.48
N ALA B 64 -9.33 20.29 12.00
CA ALA B 64 -9.65 21.48 11.18
C ALA B 64 -8.49 22.06 10.36
N ARG B 65 -7.35 21.37 10.32
CA ARG B 65 -6.32 21.59 9.31
C ARG B 65 -6.87 21.30 7.90
N PHE B 66 -7.90 20.46 7.80
CA PHE B 66 -8.53 20.10 6.55
C PHE B 66 -9.81 20.93 6.43
N ARG B 67 -9.91 21.67 5.34
CA ARG B 67 -11.07 22.44 5.00
C ARG B 67 -11.45 22.18 3.51
N GLY B 68 -12.76 22.14 3.22
CA GLY B 68 -13.27 22.02 1.88
C GLY B 68 -14.12 23.23 1.50
N ARG B 69 -14.07 23.66 0.25
CA ARG B 69 -15.03 24.64 -0.22
C ARG B 69 -15.37 24.32 -1.65
N GLY B 70 -16.31 25.06 -2.22
CA GLY B 70 -16.50 25.02 -3.65
C GLY B 70 -17.90 25.37 -4.03
N SER B 71 -18.23 25.11 -5.28
CA SER B 71 -19.55 25.26 -5.86
C SER B 71 -19.54 24.95 -7.34
N ARG B 72 -20.72 24.64 -7.83
CA ARG B 72 -20.93 24.36 -9.23
C ARG B 72 -19.99 23.34 -9.80
N THR B 73 -18.85 23.78 -10.30
CA THR B 73 -17.90 22.87 -10.86
C THR B 73 -16.53 22.86 -10.25
N ASP B 74 -16.28 23.72 -9.29
CA ASP B 74 -14.92 23.82 -8.65
C ASP B 74 -14.96 23.60 -7.16
N PHE B 75 -14.13 22.67 -6.72
CA PHE B 75 -14.10 22.25 -5.33
C PHE B 75 -12.64 22.26 -4.87
N THR B 76 -12.41 22.65 -3.62
CA THR B 76 -11.06 22.82 -3.08
C THR B 76 -10.91 22.17 -1.71
N LEU B 77 -9.90 21.32 -1.59
CA LEU B 77 -9.39 20.83 -0.31
C LEU B 77 -8.10 21.57 0.02
N THR B 78 -8.10 22.18 1.19
CA THR B 78 -6.92 22.86 1.75
C THR B 78 -6.51 22.12 2.99
N ILE B 79 -5.22 21.91 3.12
CA ILE B 79 -4.57 21.29 4.25
C ILE B 79 -3.56 22.31 4.75
N ASP B 80 -3.86 22.90 5.88
CA ASP B 80 -3.06 23.95 6.45
C ASP B 80 -3.28 23.98 7.96
N PRO B 81 -2.24 23.72 8.71
CA PRO B 81 -0.93 23.39 8.19
C PRO B 81 -0.70 21.92 7.91
N VAL B 82 0.17 21.67 6.97
CA VAL B 82 0.55 20.30 6.62
C VAL B 82 1.45 19.71 7.70
N GLU B 83 1.25 18.44 7.97
CA GLU B 83 2.05 17.67 8.95
C GLU B 83 2.52 16.34 8.36
N ALA B 84 3.44 15.70 9.06
CA ALA B 84 4.13 14.51 8.55
C ALA B 84 3.12 13.42 8.16
N ASP B 85 2.05 13.33 8.94
CA ASP B 85 1.03 12.34 8.78
C ASP B 85 0.19 12.51 7.49
N ASP B 86 0.30 13.66 6.79
CA ASP B 86 -0.47 13.92 5.59
C ASP B 86 0.04 13.28 4.29
N ALA B 87 1.23 12.68 4.34
CA ALA B 87 1.83 12.00 3.18
C ALA B 87 0.87 10.91 2.73
N ALA B 88 0.26 11.11 1.56
CA ALA B 88 -0.89 10.37 1.10
C ALA B 88 -1.28 10.87 -0.27
N ILE B 89 -2.22 10.14 -0.85
CA ILE B 89 -2.88 10.52 -2.06
C ILE B 89 -4.29 10.94 -1.65
N TYR B 90 -4.74 12.05 -2.21
CA TYR B 90 -6.04 12.62 -1.92
C TYR B 90 -6.96 12.51 -3.12
N TYR B 91 -8.25 12.24 -2.85
CA TYR B 91 -9.26 12.04 -3.91
C TYR B 91 -10.49 12.84 -3.59
N CYS B 92 -11.06 13.49 -4.59
CA CYS B 92 -12.42 13.99 -4.51
C CYS B 92 -13.33 12.90 -5.08
N GLN B 93 -14.62 12.97 -4.73
CA GLN B 93 -15.61 12.02 -5.23
C GLN B 93 -16.96 12.71 -5.28
N GLN B 94 -17.75 12.40 -6.31
CA GLN B 94 -19.14 12.86 -6.39
C GLN B 94 -20.14 11.70 -6.44
N ASN B 95 -21.22 11.87 -5.69
CA ASN B 95 -22.41 11.05 -5.83
C ASN B 95 -23.71 11.89 -6.01
N ASN B 96 -23.58 13.01 -6.74
CA ASN B 96 -24.74 13.75 -7.23
C ASN B 96 -25.40 13.08 -8.39
N GLU B 97 -24.64 12.34 -9.20
CA GLU B 97 -25.19 11.74 -10.41
C GLU B 97 -24.54 10.39 -10.65
N ASP B 98 -25.30 9.50 -11.27
CA ASP B 98 -24.86 8.14 -11.52
C ASP B 98 -24.16 8.11 -12.87
N PRO B 99 -23.10 7.34 -12.99
CA PRO B 99 -22.50 6.58 -11.90
C PRO B 99 -21.69 7.49 -11.01
N TYR B 100 -21.49 7.11 -9.77
CA TYR B 100 -20.59 7.88 -8.93
C TYR B 100 -19.18 7.84 -9.49
N THR B 101 -18.43 8.92 -9.28
CA THR B 101 -17.08 9.05 -9.83
C THR B 101 -16.08 9.67 -8.87
N PHE B 102 -14.83 9.29 -9.05
CA PHE B 102 -13.69 9.78 -8.25
C PHE B 102 -12.73 10.59 -9.11
N GLY B 103 -12.08 11.59 -8.52
CA GLY B 103 -11.00 12.27 -9.24
C GLY B 103 -9.80 11.31 -9.39
N GLY B 104 -8.84 11.66 -10.26
CA GLY B 104 -7.66 10.84 -10.52
C GLY B 104 -6.66 10.79 -9.34
N GLY B 105 -6.78 11.66 -8.35
CA GLY B 105 -5.91 11.64 -7.19
C GLY B 105 -4.80 12.67 -7.25
N THR B 106 -4.36 13.15 -6.07
CA THR B 106 -3.25 14.08 -5.96
C THR B 106 -2.27 13.53 -4.90
N LYS B 107 -1.05 13.32 -5.32
CA LYS B 107 -0.07 12.79 -4.43
C LYS B 107 0.68 13.87 -3.65
N LEU B 108 0.50 13.92 -2.34
CA LEU B 108 1.17 14.93 -1.50
C LEU B 108 2.44 14.31 -0.93
N GLU B 109 3.57 14.90 -1.27
CA GLU B 109 4.84 14.62 -0.65
C GLU B 109 5.12 15.71 0.42
N ILE B 110 5.60 15.29 1.56
CA ILE B 110 6.02 16.22 2.62
C ILE B 110 7.48 16.58 2.37
N LYS B 111 7.78 17.85 2.30
CA LYS B 111 9.15 18.26 2.09
C LYS B 111 9.76 18.50 3.46
N ARG B 112 10.90 17.90 3.70
CA ARG B 112 11.58 18.05 4.98
C ARG B 112 13.04 18.33 4.75
N ALA B 113 13.78 18.52 5.82
CA ALA B 113 15.20 18.76 5.66
C ALA B 113 15.84 17.54 5.02
N ASP B 114 16.88 17.78 4.22
CA ASP B 114 17.64 16.70 3.60
C ASP B 114 18.22 15.79 4.67
N ALA B 115 18.25 14.49 4.41
CA ALA B 115 18.73 13.52 5.40
C ALA B 115 19.54 12.43 4.71
N ALA B 116 20.72 12.11 5.27
CA ALA B 116 21.61 11.09 4.72
C ALA B 116 21.08 9.71 5.08
N PRO B 117 21.24 8.73 4.18
CA PRO B 117 20.80 7.38 4.49
C PRO B 117 21.70 6.68 5.50
N THR B 118 21.12 5.83 6.32
CA THR B 118 21.87 4.82 7.08
C THR B 118 21.90 3.54 6.26
N VAL B 119 23.08 3.01 6.05
CA VAL B 119 23.30 1.93 5.09
C VAL B 119 23.85 0.71 5.82
N SER B 120 23.24 -0.43 5.53
CA SER B 120 23.63 -1.72 6.09
C SER B 120 23.72 -2.71 4.95
N ILE B 121 24.81 -3.46 4.95
CA ILE B 121 25.06 -4.54 4.03
C ILE B 121 24.95 -5.86 4.78
N PHE B 122 24.50 -6.89 4.07
CA PHE B 122 24.29 -8.23 4.66
C PHE B 122 24.80 -9.31 3.71
N PRO B 123 25.65 -10.22 4.21
CA PRO B 123 25.96 -11.37 3.35
C PRO B 123 24.81 -12.38 3.36
N PRO B 124 24.71 -13.26 2.34
CA PRO B 124 23.72 -14.33 2.36
C PRO B 124 23.84 -15.22 3.59
N SER B 125 22.71 -15.57 4.19
CA SER B 125 22.64 -16.52 5.30
C SER B 125 22.94 -17.92 4.82
N SER B 126 23.42 -18.76 5.73
CA SER B 126 23.78 -20.15 5.40
C SER B 126 22.56 -21.00 5.06
N GLU B 127 21.37 -20.61 5.53
CA GLU B 127 20.13 -21.24 5.10
C GLU B 127 19.92 -21.07 3.61
N GLN B 128 20.21 -19.88 3.12
CA GLN B 128 20.07 -19.64 1.71
C GLN B 128 21.17 -20.35 0.96
N LEU B 129 22.34 -20.39 1.55
CA LEU B 129 23.50 -21.07 0.94
C LEU B 129 23.27 -22.58 0.71
N THR B 130 22.60 -23.24 1.66
CA THR B 130 22.20 -24.67 1.52
C THR B 130 21.26 -24.90 0.33
N SER B 131 20.50 -23.89 -0.05
CA SER B 131 19.72 -23.91 -1.29
C SER B 131 20.49 -23.48 -2.56
N GLY B 132 21.82 -23.49 -2.55
CA GLY B 132 22.62 -23.15 -3.73
C GLY B 132 22.41 -21.75 -4.31
N GLY B 133 21.91 -20.83 -3.50
CA GLY B 133 21.61 -19.46 -3.92
C GLY B 133 22.35 -18.46 -3.03
N ALA B 134 22.73 -17.33 -3.61
CA ALA B 134 23.48 -16.29 -2.90
C ALA B 134 22.92 -14.92 -3.25
N SER B 135 22.26 -14.28 -2.27
CA SER B 135 21.76 -12.91 -2.40
C SER B 135 22.45 -12.02 -1.37
N VAL B 136 22.96 -10.89 -1.82
CA VAL B 136 23.62 -9.91 -0.95
C VAL B 136 22.73 -8.67 -0.89
N VAL B 137 22.36 -8.27 0.32
CA VAL B 137 21.31 -7.28 0.52
C VAL B 137 21.91 -6.03 1.14
N CYS B 138 21.44 -4.87 0.67
CA CYS B 138 21.83 -3.59 1.19
C CYS B 138 20.56 -2.75 1.50
N PHE B 139 20.47 -2.22 2.72
CA PHE B 139 19.36 -1.35 3.13
C PHE B 139 19.88 0.07 3.23
N LEU B 140 19.10 0.98 2.65
CA LEU B 140 19.39 2.40 2.64
C LEU B 140 18.20 3.14 3.28
N ASN B 141 18.30 3.34 4.59
CA ASN B 141 17.13 3.69 5.39
C ASN B 141 17.06 5.15 5.83
N ASN B 142 15.84 5.66 5.80
CA ASN B 142 15.49 6.97 6.36
C ASN B 142 16.32 8.17 5.82
N PHE B 143 16.25 8.35 4.49
CA PHE B 143 16.87 9.48 3.79
C PHE B 143 15.82 10.39 3.15
N TYR B 144 16.29 11.60 2.78
CA TYR B 144 15.49 12.55 2.01
C TYR B 144 16.43 13.47 1.25
N PRO B 145 16.17 13.77 -0.03
CA PRO B 145 15.00 13.34 -0.81
C PRO B 145 15.13 11.95 -1.44
N LYS B 146 14.08 11.56 -2.18
CA LYS B 146 13.88 10.19 -2.68
C LYS B 146 14.92 9.72 -3.68
N ASP B 147 15.43 10.65 -4.48
CA ASP B 147 16.37 10.38 -5.59
C ASP B 147 17.67 9.90 -4.97
N ILE B 148 18.14 8.74 -5.41
CA ILE B 148 19.29 8.09 -4.82
C ILE B 148 19.87 7.05 -5.77
N ASN B 149 21.18 6.89 -5.72
CA ASN B 149 21.86 5.95 -6.59
C ASN B 149 22.73 5.00 -5.78
N VAL B 150 22.67 3.74 -6.16
CA VAL B 150 23.39 2.71 -5.48
C VAL B 150 24.19 1.82 -6.43
N LYS B 151 25.45 1.58 -6.08
CA LYS B 151 26.31 0.72 -6.89
C LYS B 151 26.79 -0.43 -6.05
N TRP B 152 26.77 -1.62 -6.62
CA TRP B 152 27.24 -2.78 -5.88
C TRP B 152 28.71 -3.04 -6.21
N ASP B 154 33.76 -6.38 -5.42
CA ASP B 154 34.91 -7.26 -5.68
C ASP B 154 36.08 -6.52 -6.32
N GLY B 155 36.18 -5.21 -6.07
CA GLY B 155 37.01 -4.30 -6.85
C GLY B 155 36.14 -3.60 -7.88
N SER B 156 35.42 -4.39 -8.67
CA SER B 156 34.68 -3.90 -9.81
C SER B 156 33.15 -3.86 -9.57
N GLU B 157 32.41 -3.75 -10.66
CA GLU B 157 30.98 -3.50 -10.64
C GLU B 157 30.14 -4.62 -11.30
N ARG B 158 28.84 -4.64 -11.00
CA ARG B 158 27.88 -5.59 -11.57
C ARG B 158 26.45 -5.10 -11.33
N GLN B 159 25.73 -4.76 -12.40
CA GLN B 159 24.29 -4.43 -12.34
C GLN B 159 23.34 -5.61 -12.65
N ASN B 160 23.88 -6.71 -13.20
CA ASN B 160 23.10 -7.92 -13.53
C ASN B 160 22.76 -8.72 -12.28
N GLY B 161 21.47 -8.77 -11.94
CA GLY B 161 20.94 -9.45 -10.75
C GLY B 161 20.62 -8.52 -9.57
N VAL B 162 20.49 -7.23 -9.85
CA VAL B 162 20.32 -6.19 -8.81
C VAL B 162 18.89 -5.69 -8.79
N LEU B 163 18.07 -6.28 -7.92
CA LEU B 163 16.68 -5.83 -7.72
C LEU B 163 16.61 -4.74 -6.67
N ASN B 164 16.07 -3.58 -7.06
CA ASN B 164 15.85 -2.44 -6.17
C ASN B 164 14.36 -2.25 -5.83
N SER B 165 14.06 -1.43 -4.81
CA SER B 165 12.71 -1.26 -4.29
C SER B 165 12.69 -0.14 -3.25
N TRP B 166 11.90 0.91 -3.51
CA TRP B 166 11.75 2.06 -2.62
C TRP B 166 10.48 1.91 -1.82
N THR B 167 10.49 2.44 -0.61
CA THR B 167 9.25 2.59 0.13
C THR B 167 8.54 3.90 -0.27
N ASP B 168 7.31 4.03 0.18
CA ASP B 168 6.63 5.28 0.15
C ASP B 168 7.14 6.13 1.31
N GLN B 169 6.69 7.37 1.37
CA GLN B 169 7.14 8.31 2.35
C GLN B 169 6.67 7.93 3.75
N ASP B 170 7.61 7.89 4.68
CA ASP B 170 7.30 7.54 6.06
C ASP B 170 6.40 8.65 6.63
N SER B 171 5.33 8.28 7.31
CA SER B 171 4.40 9.32 7.76
C SER B 171 4.67 9.89 9.16
N LYS B 172 5.82 9.53 9.77
CA LYS B 172 6.26 10.11 11.03
C LYS B 172 7.42 11.03 10.82
N ASP B 173 8.44 10.61 10.06
CA ASP B 173 9.67 11.44 9.82
C ASP B 173 9.87 11.91 8.36
N SER B 174 8.90 11.65 7.48
CA SER B 174 8.91 12.11 6.08
C SER B 174 10.09 11.65 5.21
N THR B 175 10.74 10.55 5.60
CA THR B 175 11.92 10.01 4.90
C THR B 175 11.44 8.89 3.98
N TYR B 176 12.35 8.41 3.14
CA TYR B 176 12.17 7.25 2.26
C TYR B 176 13.25 6.26 2.61
N SER B 177 13.02 4.98 2.31
CA SER B 177 14.03 3.95 2.40
C SER B 177 14.06 3.16 1.11
N MET B 178 15.19 2.50 0.84
CA MET B 178 15.27 1.62 -0.31
C MET B 178 16.17 0.45 0.04
N SER B 179 16.04 -0.58 -0.79
CA SER B 179 16.55 -1.90 -0.54
C SER B 179 17.11 -2.46 -1.84
N SER B 180 18.41 -2.74 -1.85
CA SER B 180 19.05 -3.29 -3.04
C SER B 180 19.51 -4.71 -2.81
N THR B 181 19.06 -5.62 -3.68
CA THR B 181 19.39 -7.03 -3.54
C THR B 181 20.11 -7.55 -4.78
N LEU B 182 21.43 -7.64 -4.66
CA LEU B 182 22.27 -8.32 -5.65
C LEU B 182 22.18 -9.84 -5.44
N THR B 183 21.67 -10.54 -6.46
CA THR B 183 21.55 -11.98 -6.40
C THR B 183 22.33 -12.62 -7.55
N LEU B 184 22.91 -13.78 -7.28
CA LEU B 184 23.80 -14.48 -8.22
C LEU B 184 23.97 -15.91 -7.76
N THR B 185 24.64 -16.73 -8.56
CA THR B 185 24.60 -18.18 -8.35
C THR B 185 25.52 -18.57 -7.19
N LYS B 186 25.51 -19.86 -6.83
CA LYS B 186 26.33 -20.39 -5.74
C LYS B 186 27.82 -20.29 -6.09
N ASP B 187 28.31 -21.25 -6.90
CA ASP B 187 29.73 -21.32 -7.26
C ASP B 187 30.25 -20.03 -7.93
N GLU B 188 29.32 -19.19 -8.42
CA GLU B 188 29.65 -17.85 -8.88
C GLU B 188 30.00 -16.96 -7.68
N TYR B 189 29.15 -16.94 -6.65
CA TYR B 189 29.38 -16.11 -5.44
C TYR B 189 30.62 -16.53 -4.65
N GLU B 190 30.72 -17.84 -4.44
CA GLU B 190 31.82 -18.47 -3.72
C GLU B 190 33.13 -18.11 -4.37
N ARG B 191 33.06 -17.80 -5.66
CA ARG B 191 34.22 -17.43 -6.45
C ARG B 191 34.71 -15.98 -6.30
N HIS B 192 34.19 -15.21 -5.35
CA HIS B 192 34.69 -13.85 -5.18
C HIS B 192 34.99 -13.40 -3.74
N ASN B 193 35.55 -12.20 -3.67
CA ASN B 193 36.10 -11.61 -2.47
C ASN B 193 35.40 -10.59 -1.59
N SER B 194 35.23 -9.39 -2.15
CA SER B 194 34.74 -8.24 -1.42
C SER B 194 33.43 -7.90 -2.08
N TYR B 195 32.44 -7.53 -1.29
CA TYR B 195 31.20 -7.05 -1.85
C TYR B 195 30.91 -5.73 -1.16
N THR B 196 30.70 -4.70 -1.98
CA THR B 196 30.46 -3.35 -1.50
C THR B 196 29.17 -2.83 -2.13
N CYS B 197 28.32 -2.21 -1.31
CA CYS B 197 27.29 -1.28 -1.83
C CYS B 197 27.78 0.11 -1.44
N GLU B 198 28.09 0.90 -2.46
CA GLU B 198 28.29 2.32 -2.28
C GLU B 198 26.98 2.95 -2.67
N ALA B 199 26.58 3.98 -1.95
CA ALA B 199 25.40 4.74 -2.29
C ALA B 199 25.80 6.19 -2.34
N THR B 200 25.25 6.92 -3.32
CA THR B 200 25.48 8.36 -3.49
C THR B 200 24.14 9.12 -3.38
N HIS B 201 24.21 10.33 -2.84
CA HIS B 201 23.04 11.09 -2.44
C HIS B 201 23.45 12.54 -2.24
N LYS B 202 22.55 13.48 -2.52
CA LYS B 202 22.91 14.90 -2.45
C LYS B 202 23.13 15.47 -1.01
N THR B 203 23.15 14.60 0.01
CA THR B 203 23.55 15.00 1.38
C THR B 203 25.06 15.06 1.56
N SER B 204 25.82 14.53 0.61
CA SER B 204 27.26 14.61 0.69
C SER B 204 27.93 14.51 -0.67
N THR B 205 29.18 14.99 -0.69
CA THR B 205 30.14 14.73 -1.75
C THR B 205 30.39 13.22 -1.90
N SER B 206 30.83 12.58 -0.82
CA SER B 206 31.42 11.23 -0.86
C SER B 206 30.33 10.17 -0.76
N PRO B 207 30.37 9.14 -1.63
CA PRO B 207 29.47 8.00 -1.45
C PRO B 207 29.60 7.32 -0.07
N ILE B 208 28.46 6.89 0.50
CA ILE B 208 28.45 6.09 1.74
C ILE B 208 28.72 4.64 1.33
N VAL B 209 29.80 4.09 1.89
CA VAL B 209 30.34 2.80 1.52
C VAL B 209 30.18 1.84 2.68
N LYS B 210 29.50 0.73 2.43
CA LYS B 210 29.52 -0.41 3.33
C LYS B 210 30.04 -1.61 2.55
N SER B 211 30.72 -2.52 3.23
CA SER B 211 31.24 -3.74 2.61
C SER B 211 31.65 -4.78 3.64
N PHE B 212 31.89 -5.98 3.14
CA PHE B 212 32.46 -7.05 3.92
C PHE B 212 33.40 -7.87 3.05
N ASN B 213 34.45 -8.40 3.68
CA ASN B 213 35.26 -9.46 3.08
C ASN B 213 34.61 -10.77 3.45
N ARG B 214 34.95 -11.82 2.70
CA ARG B 214 34.40 -13.14 2.89
C ARG B 214 35.46 -14.11 3.39
#